data_8VCE
#
_entry.id   8VCE
#
_cell.length_a   66.587
_cell.length_b   95.701
_cell.length_c   100.313
_cell.angle_alpha   90.00
_cell.angle_beta   90.00
_cell.angle_gamma   90.00
#
_symmetry.space_group_name_H-M   'P 21 21 21'
#
loop_
_entity.id
_entity.type
_entity.pdbx_description
1 polymer 'Probable carboxylesterase 120'
2 non-polymer IMIDAZOLE
3 non-polymer 1,2-ETHANEDIOL
4 water water
#
_entity_poly.entity_id   1
_entity_poly.type   'polypeptide(L)'
_entity_poly.pdbx_seq_one_letter_code
;MSEPSPIADPYAYLNIVNNPDGSITRDLSNFPCTAATPDPSPLNPAVSKDLPVNQLKSTWLRLYLPSSAVNEGNVSSQKL
PIVVYYHGGGFILCSVDMQLFHDFCSEVARDLNAIVVSPSYRLAPEHRLPAAYDDGVEALDWIKTSDDEWIKSHADFSNV
FLMGTSAGGNLAYNVGLRSVDSVSDLSPLQIRGLILHHPFFGGEERSESEIRLMNDQVCPPIVTDVMWDLSLPVGVDRDH
EYSNPTVGDGSEKLEKIGRLRWKVMMIGGEDDPMIDLQKDVAKLMKKKGVEVVEHYTGGHVHGAEIRDPSKRKTLFLSIK
NFIFSVL
;
_entity_poly.pdbx_strand_id   A,B
#
loop_
_chem_comp.id
_chem_comp.type
_chem_comp.name
_chem_comp.formula
EDO non-polymer 1,2-ETHANEDIOL 'C2 H6 O2'
IMD non-polymer IMIDAZOLE 'C3 H5 N2 1'
#
# COMPACT_ATOMS: atom_id res chain seq x y z
N PRO A 6 -24.33 -22.42 9.32
CA PRO A 6 -23.94 -21.34 10.24
C PRO A 6 -22.43 -21.23 10.36
N ILE A 7 -21.90 -20.01 10.31
CA ILE A 7 -20.46 -19.81 10.37
C ILE A 7 -19.93 -20.30 11.70
N ALA A 8 -19.10 -21.33 11.66
CA ALA A 8 -18.50 -21.88 12.87
C ALA A 8 -17.17 -21.22 13.22
N ASP A 9 -16.35 -20.93 12.22
CA ASP A 9 -15.01 -20.40 12.43
C ASP A 9 -14.92 -19.00 11.84
N PRO A 10 -14.97 -17.95 12.67
CA PRO A 10 -14.95 -16.59 12.10
C PRO A 10 -13.61 -16.21 11.50
N TYR A 11 -12.50 -16.70 12.05
CA TYR A 11 -11.18 -16.34 11.53
C TYR A 11 -10.96 -16.93 10.15
N ALA A 12 -11.37 -18.17 9.94
CA ALA A 12 -11.28 -18.78 8.62
C ALA A 12 -12.24 -18.11 7.65
N TYR A 13 -13.42 -17.74 8.12
CA TYR A 13 -14.35 -17.00 7.26
C TYR A 13 -13.70 -15.70 6.78
N LEU A 14 -13.00 -15.00 7.67
CA LEU A 14 -12.35 -13.75 7.33
C LEU A 14 -11.01 -13.95 6.61
N ASN A 15 -10.54 -15.19 6.54
CA ASN A 15 -9.26 -15.52 5.90
C ASN A 15 -8.10 -14.80 6.59
N ILE A 16 -8.10 -14.85 7.92
CA ILE A 16 -7.03 -14.23 8.71
C ILE A 16 -6.52 -15.24 9.73
N VAL A 17 -5.28 -15.01 10.17
CA VAL A 17 -4.59 -15.85 11.15
C VAL A 17 -3.99 -14.93 12.21
N ASN A 18 -4.02 -15.37 13.47
CA ASN A 18 -3.47 -14.59 14.57
C ASN A 18 -1.95 -14.71 14.62
N ASN A 19 -1.28 -13.61 14.97
CA ASN A 19 0.18 -13.53 14.93
C ASN A 19 0.76 -13.17 16.30
N PRO A 20 1.88 -13.77 16.68
CA PRO A 20 2.45 -13.59 18.03
C PRO A 20 3.16 -12.24 18.20
N ASP A 21 2.44 -11.16 17.92
CA ASP A 21 2.87 -9.82 18.30
C ASP A 21 1.66 -8.89 18.32
N GLY A 22 0.47 -9.48 18.30
CA GLY A 22 -0.76 -8.74 18.27
C GLY A 22 -1.31 -8.47 16.88
N SER A 23 -0.61 -8.89 15.83
CA SER A 23 -1.04 -8.64 14.46
C SER A 23 -1.81 -9.84 13.94
N ILE A 24 -2.23 -9.74 12.68
CA ILE A 24 -2.88 -10.82 11.98
C ILE A 24 -2.24 -10.95 10.62
N THR A 25 -2.30 -12.16 10.06
CA THR A 25 -1.86 -12.37 8.68
C THR A 25 -3.09 -12.51 7.81
N ARG A 26 -3.23 -11.62 6.84
CA ARG A 26 -4.36 -11.62 5.93
C ARG A 26 -3.99 -12.32 4.63
N ASP A 27 -4.84 -13.25 4.20
CA ASP A 27 -4.73 -13.84 2.89
C ASP A 27 -5.43 -12.91 1.91
N LEU A 28 -4.66 -12.14 1.15
CA LEU A 28 -5.23 -11.15 0.25
C LEU A 28 -5.77 -11.75 -1.05
N SER A 29 -5.52 -13.03 -1.33
CA SER A 29 -5.79 -13.58 -2.65
C SER A 29 -7.27 -13.52 -3.02
N ASN A 30 -8.17 -13.43 -2.03
CA ASN A 30 -9.60 -13.42 -2.32
C ASN A 30 -10.11 -12.07 -2.81
N PHE A 31 -9.37 -10.99 -2.60
CA PHE A 31 -9.81 -9.65 -3.00
C PHE A 31 -8.74 -8.99 -3.83
N PRO A 32 -8.78 -9.16 -5.14
CA PRO A 32 -7.75 -8.59 -6.02
C PRO A 32 -7.89 -7.09 -6.11
N CYS A 33 -6.76 -6.44 -6.35
CA CYS A 33 -6.71 -4.99 -6.49
C CYS A 33 -6.54 -4.62 -7.95
N THR A 34 -6.91 -3.38 -8.27
CA THR A 34 -6.82 -2.86 -9.62
C THR A 34 -6.26 -1.44 -9.58
N ALA A 35 -5.62 -1.05 -10.68
CA ALA A 35 -4.89 0.20 -10.74
C ALA A 35 -5.79 1.35 -11.16
N ALA A 36 -5.34 2.57 -10.86
CA ALA A 36 -6.04 3.75 -11.34
C ALA A 36 -5.93 3.82 -12.85
N THR A 37 -6.91 4.49 -13.47
CA THR A 37 -6.99 4.64 -14.92
C THR A 37 -7.31 6.10 -15.24
N PRO A 38 -6.28 6.92 -15.42
CA PRO A 38 -6.52 8.36 -15.61
C PRO A 38 -7.05 8.72 -16.98
N ASP A 39 -6.85 7.86 -18.00
CA ASP A 39 -7.28 8.20 -19.37
C ASP A 39 -8.65 7.61 -19.66
N PRO A 40 -9.56 8.39 -20.24
CA PRO A 40 -10.91 7.88 -20.49
C PRO A 40 -10.90 6.65 -21.38
N SER A 41 -11.78 5.69 -21.05
CA SER A 41 -11.95 4.44 -21.78
C SER A 41 -13.43 4.05 -21.71
N PRO A 42 -14.00 3.53 -22.80
CA PRO A 42 -15.40 3.05 -22.72
C PRO A 42 -15.61 1.92 -21.72
N LEU A 43 -14.56 1.16 -21.41
CA LEU A 43 -14.67 0.09 -20.42
C LEU A 43 -14.71 0.60 -18.98
N ASN A 44 -14.44 1.88 -18.76
CA ASN A 44 -14.26 2.43 -17.41
C ASN A 44 -15.29 3.51 -17.16
N PRO A 45 -16.20 3.35 -16.19
CA PRO A 45 -17.19 4.41 -15.94
C PRO A 45 -16.58 5.72 -15.41
N ALA A 46 -15.36 5.71 -14.91
CA ALA A 46 -14.73 6.92 -14.39
C ALA A 46 -13.25 6.93 -14.74
N VAL A 47 -12.67 8.11 -14.77
CA VAL A 47 -11.21 8.19 -14.77
C VAL A 47 -10.76 8.30 -13.32
N SER A 48 -9.57 7.78 -13.02
CA SER A 48 -9.10 7.75 -11.64
C SER A 48 -7.60 7.98 -11.57
N LYS A 49 -7.13 8.50 -10.42
CA LYS A 49 -5.70 8.69 -10.20
C LYS A 49 -5.44 8.66 -8.71
N ASP A 50 -4.18 8.33 -8.34
CA ASP A 50 -3.78 8.17 -6.95
C ASP A 50 -2.88 9.32 -6.53
N LEU A 51 -3.07 9.78 -5.29
CA LEU A 51 -2.34 10.90 -4.71
C LEU A 51 -2.01 10.58 -3.26
N PRO A 52 -0.83 10.95 -2.78
CA PRO A 52 -0.45 10.64 -1.40
C PRO A 52 -1.10 11.65 -0.44
N VAL A 53 -1.32 11.20 0.80
CA VAL A 53 -1.84 12.07 1.86
C VAL A 53 -0.81 12.31 2.97
N ASN A 54 -0.35 11.23 3.61
CA ASN A 54 0.52 11.34 4.77
C ASN A 54 1.61 10.29 4.67
N GLN A 55 2.87 10.75 4.57
CA GLN A 55 4.00 9.83 4.37
C GLN A 55 4.25 8.95 5.60
N LEU A 56 4.11 9.51 6.80
CA LEU A 56 4.41 8.73 8.00
C LEU A 56 3.41 7.58 8.16
N LYS A 57 2.16 7.82 7.80
CA LYS A 57 1.09 6.84 7.92
C LYS A 57 0.96 5.98 6.68
N SER A 58 1.64 6.36 5.58
CA SER A 58 1.55 5.72 4.27
C SER A 58 0.11 5.74 3.74
N THR A 59 -0.60 6.82 4.01
CA THR A 59 -1.97 6.97 3.55
C THR A 59 -2.02 7.75 2.24
N TRP A 60 -3.03 7.43 1.43
CA TRP A 60 -3.17 7.99 0.11
C TRP A 60 -4.66 8.00 -0.21
N LEU A 61 -5.00 8.37 -1.44
CA LEU A 61 -6.41 8.36 -1.83
C LEU A 61 -6.49 8.17 -3.34
N ARG A 62 -7.65 7.71 -3.79
CA ARG A 62 -7.94 7.63 -5.22
C ARG A 62 -9.05 8.61 -5.54
N LEU A 63 -8.83 9.45 -6.56
CA LEU A 63 -9.82 10.40 -7.08
C LEU A 63 -10.53 9.77 -8.26
N TYR A 64 -11.87 9.97 -8.34
CA TYR A 64 -12.68 9.47 -9.44
C TYR A 64 -13.47 10.61 -10.04
N LEU A 65 -13.55 10.62 -11.37
CA LEU A 65 -14.25 11.67 -12.10
C LEU A 65 -15.05 10.97 -13.19
N PRO A 66 -16.31 11.35 -13.40
CA PRO A 66 -17.06 10.79 -14.53
C PRO A 66 -16.26 11.00 -15.83
N SER A 67 -16.25 9.98 -16.68
CA SER A 67 -15.54 10.08 -17.97
C SER A 67 -15.90 11.37 -18.69
N SER A 68 -17.17 11.77 -18.59
CA SER A 68 -17.66 12.94 -19.30
C SER A 68 -17.00 14.21 -18.81
N ALA A 69 -16.68 14.30 -17.52
CA ALA A 69 -16.09 15.52 -16.98
C ALA A 69 -14.73 15.82 -17.60
N VAL A 70 -14.05 14.83 -18.14
CA VAL A 70 -12.74 15.03 -18.71
C VAL A 70 -12.82 14.95 -20.23
N GLN A 78 -20.36 24.25 -13.52
CA GLN A 78 -20.67 22.83 -13.71
C GLN A 78 -19.80 21.96 -12.80
N LYS A 79 -19.31 22.53 -11.70
CA LYS A 79 -18.54 21.76 -10.73
C LYS A 79 -19.43 20.71 -10.04
N LEU A 80 -18.79 19.62 -9.61
CA LEU A 80 -19.55 18.45 -9.15
C LEU A 80 -19.51 18.32 -7.63
N PRO A 81 -20.56 17.78 -7.02
CA PRO A 81 -20.51 17.53 -5.58
C PRO A 81 -19.36 16.61 -5.24
N ILE A 82 -18.76 16.84 -4.06
CA ILE A 82 -17.64 16.05 -3.58
C ILE A 82 -18.19 14.96 -2.67
N VAL A 83 -18.06 13.70 -3.09
CA VAL A 83 -18.43 12.57 -2.25
C VAL A 83 -17.14 11.96 -1.73
N VAL A 84 -16.88 12.12 -0.44
CA VAL A 84 -15.75 11.46 0.19
C VAL A 84 -16.22 10.08 0.62
N TYR A 85 -15.60 9.03 0.07
CA TYR A 85 -16.10 7.67 0.28
C TYR A 85 -15.08 6.85 1.06
N TYR A 86 -15.51 6.26 2.19
CA TYR A 86 -14.66 5.38 2.98
C TYR A 86 -15.12 3.95 2.77
N HIS A 87 -14.19 3.07 2.37
CA HIS A 87 -14.56 1.69 2.07
C HIS A 87 -14.78 0.90 3.37
N GLY A 88 -15.36 -0.29 3.22
CA GLY A 88 -15.67 -1.15 4.34
C GLY A 88 -14.60 -2.22 4.54
N GLY A 89 -14.90 -3.13 5.48
CA GLY A 89 -14.00 -4.22 5.80
C GLY A 89 -13.76 -4.40 7.29
N GLY A 90 -14.71 -3.97 8.12
CA GLY A 90 -14.66 -4.26 9.54
C GLY A 90 -13.55 -3.56 10.32
N PHE A 91 -12.92 -2.55 9.71
CA PHE A 91 -11.74 -1.83 10.21
C PHE A 91 -10.49 -2.70 10.24
N ILE A 92 -10.56 -3.93 9.74
CA ILE A 92 -9.42 -4.85 9.78
C ILE A 92 -8.94 -5.30 8.40
N LEU A 93 -9.74 -5.12 7.34
CA LEU A 93 -9.44 -5.65 6.01
C LEU A 93 -9.76 -4.61 4.94
N CYS A 94 -9.29 -4.89 3.72
CA CYS A 94 -9.68 -4.25 2.47
C CYS A 94 -9.05 -2.89 2.19
N SER A 95 -8.91 -2.54 0.92
CA SER A 95 -8.20 -1.33 0.52
C SER A 95 -8.96 -0.56 -0.54
N VAL A 96 -8.53 0.70 -0.74
CA VAL A 96 -9.14 1.56 -1.76
C VAL A 96 -9.07 0.92 -3.15
N ASP A 97 -7.93 0.28 -3.46
CA ASP A 97 -7.71 -0.22 -4.82
C ASP A 97 -8.21 -1.65 -5.02
N MET A 98 -8.88 -2.24 -4.03
CA MET A 98 -9.62 -3.46 -4.30
C MET A 98 -10.59 -3.24 -5.46
N GLN A 99 -10.57 -4.16 -6.44
CA GLN A 99 -11.46 -4.03 -7.58
C GLN A 99 -12.90 -3.81 -7.14
N LEU A 100 -13.32 -4.54 -6.12
CA LEU A 100 -14.70 -4.44 -5.66
C LEU A 100 -15.07 -2.99 -5.30
N PHE A 101 -14.20 -2.32 -4.54
CA PHE A 101 -14.45 -0.94 -4.17
C PHE A 101 -14.12 0.04 -5.30
N HIS A 102 -13.09 -0.25 -6.09
CA HIS A 102 -12.76 0.63 -7.22
C HIS A 102 -13.92 0.70 -8.21
N ASP A 103 -14.47 -0.46 -8.58
CA ASP A 103 -15.58 -0.48 -9.52
C ASP A 103 -16.80 0.22 -8.93
N PHE A 104 -17.09 0.00 -7.64
CA PHE A 104 -18.21 0.67 -7.00
C PHE A 104 -18.05 2.18 -7.02
N CYS A 105 -16.87 2.69 -6.62
CA CYS A 105 -16.66 4.14 -6.59
C CYS A 105 -16.73 4.74 -7.99
N SER A 106 -16.22 4.02 -9.00
CA SER A 106 -16.31 4.52 -10.37
C SER A 106 -17.77 4.69 -10.78
N GLU A 107 -18.62 3.74 -10.43
CA GLU A 107 -20.03 3.85 -10.79
C GLU A 107 -20.72 4.91 -9.96
N VAL A 108 -20.34 5.06 -8.68
CA VAL A 108 -20.83 6.18 -7.89
C VAL A 108 -20.55 7.51 -8.60
N ALA A 109 -19.30 7.73 -8.99
CA ALA A 109 -18.97 8.98 -9.69
C ALA A 109 -19.84 9.17 -10.93
N ARG A 110 -19.95 8.12 -11.74
CA ARG A 110 -20.73 8.22 -12.97
C ARG A 110 -22.20 8.52 -12.69
N ASP A 111 -22.82 7.74 -11.80
CA ASP A 111 -24.27 7.78 -11.66
C ASP A 111 -24.74 8.89 -10.72
N LEU A 112 -23.90 9.35 -9.80
CA LEU A 112 -24.21 10.57 -9.07
C LEU A 112 -23.77 11.82 -9.80
N ASN A 113 -22.90 11.66 -10.80
CA ASN A 113 -22.22 12.78 -11.44
C ASN A 113 -21.49 13.59 -10.38
N ALA A 114 -20.59 12.91 -9.69
CA ALA A 114 -19.87 13.46 -8.56
C ALA A 114 -18.37 13.22 -8.74
N ILE A 115 -17.55 14.05 -8.12
CA ILE A 115 -16.15 13.69 -7.93
C ILE A 115 -16.07 12.92 -6.62
N VAL A 116 -15.56 11.71 -6.69
CA VAL A 116 -15.46 10.85 -5.52
C VAL A 116 -14.01 10.83 -5.04
N VAL A 117 -13.82 11.11 -3.76
CA VAL A 117 -12.52 11.07 -3.11
C VAL A 117 -12.54 9.85 -2.20
N SER A 118 -11.73 8.83 -2.50
CA SER A 118 -11.74 7.60 -1.72
CA SER A 118 -11.73 7.60 -1.73
C SER A 118 -10.44 7.45 -0.95
N PRO A 119 -10.40 7.85 0.33
CA PRO A 119 -9.13 7.84 1.07
C PRO A 119 -8.82 6.49 1.69
N SER A 120 -7.54 6.15 1.68
CA SER A 120 -7.14 4.96 2.42
C SER A 120 -7.13 5.29 3.92
N TYR A 121 -7.19 4.24 4.73
CA TYR A 121 -7.07 4.41 6.17
C TYR A 121 -6.37 3.20 6.76
N ARG A 122 -5.64 3.42 7.84
CA ARG A 122 -4.88 2.34 8.46
C ARG A 122 -5.80 1.30 9.08
N LEU A 123 -5.35 0.05 9.04
CA LEU A 123 -6.16 -1.09 9.47
C LEU A 123 -5.76 -1.57 10.86
N ALA A 124 -6.74 -2.07 11.57
CA ALA A 124 -6.54 -2.71 12.87
C ALA A 124 -6.32 -4.21 12.66
N PRO A 125 -5.72 -4.91 13.64
CA PRO A 125 -5.26 -4.49 14.98
C PRO A 125 -3.93 -3.72 15.00
N GLU A 126 -3.25 -3.64 13.86
CA GLU A 126 -1.99 -2.90 13.81
C GLU A 126 -2.20 -1.45 14.21
N HIS A 127 -3.32 -0.85 13.82
CA HIS A 127 -3.67 0.52 14.18
C HIS A 127 -5.13 0.51 14.61
N ARG A 128 -5.36 0.29 15.90
CA ARG A 128 -6.72 0.20 16.43
C ARG A 128 -7.43 1.55 16.32
N LEU A 129 -8.75 1.50 16.35
CA LEU A 129 -9.51 2.74 16.47
C LEU A 129 -8.98 3.54 17.66
N PRO A 130 -8.93 4.87 17.56
CA PRO A 130 -9.48 5.71 16.50
C PRO A 130 -8.55 6.07 15.31
N ALA A 131 -7.54 5.24 15.04
CA ALA A 131 -6.61 5.52 13.93
C ALA A 131 -7.36 5.79 12.63
N ALA A 132 -8.31 4.91 12.27
CA ALA A 132 -9.05 5.11 11.02
C ALA A 132 -9.77 6.45 11.02
N TYR A 133 -10.35 6.85 12.16
CA TYR A 133 -11.03 8.15 12.22
C TYR A 133 -10.06 9.29 11.99
N ASP A 134 -8.87 9.25 12.63
CA ASP A 134 -7.86 10.28 12.39
C ASP A 134 -7.52 10.39 10.90
N ASP A 135 -7.37 9.25 10.23
CA ASP A 135 -7.06 9.27 8.79
C ASP A 135 -8.25 9.82 8.00
N GLY A 136 -9.48 9.47 8.38
CA GLY A 136 -10.63 9.99 7.68
C GLY A 136 -10.75 11.50 7.80
N VAL A 137 -10.40 12.05 8.98
CA VAL A 137 -10.39 13.49 9.19
C VAL A 137 -9.28 14.13 8.39
N GLU A 138 -8.10 13.51 8.36
CA GLU A 138 -6.99 14.10 7.63
C GLU A 138 -7.31 14.20 6.14
N ALA A 139 -8.12 13.28 5.61
CA ALA A 139 -8.45 13.35 4.18
C ALA A 139 -9.20 14.64 3.84
N LEU A 140 -10.03 15.14 4.75
CA LEU A 140 -10.70 16.41 4.51
C LEU A 140 -9.72 17.57 4.52
N ASP A 141 -8.76 17.54 5.47
CA ASP A 141 -7.69 18.53 5.49
C ASP A 141 -6.96 18.55 4.15
N TRP A 142 -6.77 17.36 3.56
CA TRP A 142 -6.07 17.28 2.28
C TRP A 142 -6.87 17.96 1.17
N ILE A 143 -8.18 17.67 1.09
CA ILE A 143 -9.00 18.27 0.04
C ILE A 143 -8.93 19.79 0.14
N LYS A 144 -9.07 20.32 1.35
CA LYS A 144 -9.10 21.75 1.57
C LYS A 144 -7.89 22.47 0.98
N THR A 145 -6.73 21.82 0.97
CA THR A 145 -5.49 22.44 0.52
C THR A 145 -4.95 21.87 -0.78
N SER A 146 -5.64 20.94 -1.42
CA SER A 146 -5.14 20.33 -2.65
C SER A 146 -5.03 21.34 -3.78
N ASP A 147 -3.93 21.25 -4.53
CA ASP A 147 -3.75 22.00 -5.78
C ASP A 147 -4.00 21.14 -7.01
N ASP A 148 -4.55 19.94 -6.85
CA ASP A 148 -4.67 19.01 -7.96
C ASP A 148 -5.64 19.56 -9.00
N GLU A 149 -5.31 19.34 -10.27
CA GLU A 149 -6.09 19.94 -11.36
C GLU A 149 -7.54 19.44 -11.37
N TRP A 150 -7.76 18.17 -11.05
CA TRP A 150 -9.15 17.68 -11.05
C TRP A 150 -9.95 18.34 -9.94
N ILE A 151 -9.33 18.54 -8.78
CA ILE A 151 -9.99 19.22 -7.67
C ILE A 151 -10.30 20.66 -8.06
N LYS A 152 -9.30 21.38 -8.57
CA LYS A 152 -9.45 22.79 -8.89
C LYS A 152 -10.48 23.00 -9.99
N SER A 153 -10.52 22.12 -10.99
CA SER A 153 -11.43 22.35 -12.11
C SER A 153 -12.81 21.76 -11.93
N HIS A 154 -12.97 20.70 -11.12
CA HIS A 154 -14.23 19.97 -11.13
C HIS A 154 -14.93 19.82 -9.78
N ALA A 155 -14.32 20.19 -8.66
CA ALA A 155 -14.88 19.90 -7.34
C ALA A 155 -15.65 21.09 -6.80
N ASP A 156 -16.94 20.88 -6.49
CA ASP A 156 -17.77 21.90 -5.85
C ASP A 156 -17.53 21.85 -4.34
N PHE A 157 -16.68 22.77 -3.84
CA PHE A 157 -16.33 22.80 -2.42
C PHE A 157 -17.51 23.14 -1.51
N SER A 158 -18.61 23.67 -2.06
CA SER A 158 -19.78 23.98 -1.23
C SER A 158 -20.66 22.76 -0.99
N ASN A 159 -20.38 21.62 -1.66
CA ASN A 159 -21.29 20.46 -1.64
C ASN A 159 -20.48 19.20 -1.31
N VAL A 160 -20.04 19.10 -0.08
CA VAL A 160 -19.25 17.97 0.40
C VAL A 160 -20.17 16.99 1.14
N PHE A 161 -20.11 15.71 0.76
CA PHE A 161 -20.84 14.64 1.44
C PHE A 161 -19.86 13.59 1.95
N LEU A 162 -20.02 13.17 3.20
CA LEU A 162 -19.19 12.11 3.77
C LEU A 162 -19.96 10.79 3.66
N MET A 163 -19.44 9.86 2.86
CA MET A 163 -20.07 8.57 2.59
C MET A 163 -19.18 7.42 3.02
N GLY A 164 -19.79 6.29 3.36
CA GLY A 164 -19.04 5.07 3.60
C GLY A 164 -19.92 3.85 3.69
N THR A 165 -19.36 2.67 3.34
CA THR A 165 -20.06 1.41 3.44
C THR A 165 -19.52 0.63 4.64
N SER A 166 -20.42 0.12 5.47
CA SER A 166 -20.06 -0.78 6.58
C SER A 166 -19.05 -0.06 7.48
N ALA A 167 -17.84 -0.57 7.70
CA ALA A 167 -16.92 0.16 8.56
C ALA A 167 -16.71 1.58 8.05
N GLY A 168 -16.71 1.75 6.73
CA GLY A 168 -16.57 3.09 6.15
C GLY A 168 -17.72 4.01 6.51
N GLY A 169 -18.91 3.45 6.73
CA GLY A 169 -20.04 4.28 7.15
C GLY A 169 -19.92 4.69 8.61
N ASN A 170 -19.47 3.77 9.46
CA ASN A 170 -19.06 4.12 10.81
C ASN A 170 -17.99 5.22 10.76
N LEU A 171 -16.98 5.02 9.92
CA LEU A 171 -15.92 6.03 9.79
C LEU A 171 -16.49 7.38 9.39
N ALA A 172 -17.39 7.41 8.40
CA ALA A 172 -17.93 8.69 7.94
C ALA A 172 -18.73 9.39 9.04
N TYR A 173 -19.50 8.62 9.80
CA TYR A 173 -20.23 9.16 10.94
C TYR A 173 -19.27 9.82 11.93
N ASN A 174 -18.18 9.14 12.26
CA ASN A 174 -17.25 9.66 13.25
C ASN A 174 -16.43 10.82 12.72
N VAL A 175 -16.15 10.87 11.40
CA VAL A 175 -15.56 12.07 10.80
C VAL A 175 -16.54 13.24 10.93
N GLY A 176 -17.83 12.98 10.73
CA GLY A 176 -18.83 14.02 10.95
C GLY A 176 -18.80 14.55 12.38
N LEU A 177 -18.81 13.65 13.36
CA LEU A 177 -18.76 14.07 14.77
C LEU A 177 -17.51 14.90 15.05
N ARG A 178 -16.37 14.49 14.52
CA ARG A 178 -15.14 15.22 14.76
CA ARG A 178 -15.12 15.21 14.74
C ARG A 178 -15.06 16.52 13.98
N SER A 179 -15.81 16.65 12.89
CA SER A 179 -15.76 17.90 12.16
C SER A 179 -16.66 18.97 12.76
N VAL A 180 -17.63 18.60 13.60
CA VAL A 180 -18.64 19.57 14.00
C VAL A 180 -18.03 20.68 14.84
N ASP A 181 -17.07 20.35 15.70
CA ASP A 181 -16.38 21.38 16.47
C ASP A 181 -15.31 22.08 15.66
N SER A 182 -15.09 21.66 14.42
CA SER A 182 -14.00 22.17 13.60
C SER A 182 -14.48 22.91 12.38
N VAL A 183 -15.77 23.29 12.31
CA VAL A 183 -16.34 23.75 11.05
C VAL A 183 -15.61 24.98 10.52
N SER A 184 -15.14 25.87 11.42
CA SER A 184 -14.38 27.04 10.96
C SER A 184 -13.14 26.61 10.19
N ASP A 185 -12.42 25.62 10.71
CA ASP A 185 -11.18 25.23 10.08
C ASP A 185 -11.40 24.44 8.80
N LEU A 186 -12.62 23.93 8.59
CA LEU A 186 -12.92 23.18 7.37
C LEU A 186 -13.02 24.09 6.15
N SER A 187 -13.36 25.37 6.36
CA SER A 187 -13.52 26.27 5.22
C SER A 187 -12.25 26.25 4.37
N PRO A 188 -12.36 26.27 3.03
CA PRO A 188 -13.51 26.47 2.13
C PRO A 188 -14.38 25.26 1.82
N LEU A 189 -14.08 24.11 2.41
CA LEU A 189 -15.01 22.98 2.35
C LEU A 189 -16.26 23.33 3.12
N GLN A 190 -17.42 22.91 2.62
CA GLN A 190 -18.66 22.97 3.39
C GLN A 190 -19.36 21.61 3.30
N ILE A 191 -19.47 20.94 4.45
CA ILE A 191 -20.18 19.66 4.53
C ILE A 191 -21.68 19.93 4.49
N ARG A 192 -22.39 19.15 3.66
CA ARG A 192 -23.84 19.26 3.53
C ARG A 192 -24.58 18.03 4.04
N GLY A 193 -23.91 16.89 4.17
CA GLY A 193 -24.62 15.65 4.50
C GLY A 193 -23.65 14.50 4.74
N LEU A 194 -24.17 13.47 5.42
CA LEU A 194 -23.49 12.21 5.64
C LEU A 194 -24.33 11.11 5.00
N ILE A 195 -23.69 10.15 4.35
CA ILE A 195 -24.37 9.06 3.65
C ILE A 195 -23.86 7.76 4.24
N LEU A 196 -24.68 7.12 5.10
CA LEU A 196 -24.25 5.93 5.86
C LEU A 196 -24.83 4.68 5.21
N HIS A 197 -23.98 3.92 4.53
CA HIS A 197 -24.40 2.77 3.73
C HIS A 197 -24.13 1.50 4.53
N HIS A 198 -25.18 0.96 5.16
CA HIS A 198 -25.08 -0.19 6.04
C HIS A 198 -23.97 -0.03 7.08
N PRO A 199 -23.98 1.07 7.84
CA PRO A 199 -22.83 1.35 8.72
C PRO A 199 -22.60 0.28 9.78
N PHE A 200 -21.34 0.04 10.08
CA PHE A 200 -20.89 -1.02 10.98
C PHE A 200 -21.03 -0.52 12.42
N PHE A 201 -22.09 -0.96 13.11
CA PHE A 201 -22.37 -0.62 14.50
C PHE A 201 -22.74 -1.90 15.24
N GLY A 202 -22.29 -2.02 16.48
CA GLY A 202 -22.65 -3.17 17.30
C GLY A 202 -22.60 -2.81 18.78
N GLY A 203 -23.28 -3.63 19.59
CA GLY A 203 -23.27 -3.44 21.04
C GLY A 203 -22.81 -4.71 21.74
N GLU A 204 -22.69 -4.60 23.08
CA GLU A 204 -22.34 -5.76 23.90
C GLU A 204 -23.46 -6.79 23.91
N GLU A 205 -24.58 -6.44 24.54
CA GLU A 205 -25.76 -7.29 24.47
C GLU A 205 -26.23 -7.46 23.03
N ARG A 206 -26.63 -8.69 22.67
CA ARG A 206 -27.20 -8.92 21.35
C ARG A 206 -28.46 -8.10 21.16
N SER A 207 -28.55 -7.39 20.04
CA SER A 207 -29.79 -6.73 19.67
C SER A 207 -30.80 -7.78 19.21
N GLU A 208 -32.04 -7.33 19.06
CA GLU A 208 -33.08 -8.22 18.58
C GLU A 208 -32.72 -8.81 17.21
N SER A 209 -32.15 -8.01 16.31
CA SER A 209 -31.87 -8.55 14.99
C SER A 209 -30.61 -9.41 14.97
N GLU A 210 -29.65 -9.17 15.86
CA GLU A 210 -28.50 -10.08 15.95
C GLU A 210 -28.95 -11.45 16.42
N ILE A 211 -29.91 -11.53 17.34
CA ILE A 211 -30.43 -12.84 17.73
C ILE A 211 -31.19 -13.49 16.58
N ARG A 212 -32.20 -12.78 16.04
CA ARG A 212 -32.98 -13.31 14.91
C ARG A 212 -32.11 -13.78 13.75
N LEU A 213 -31.10 -12.99 13.39
CA LEU A 213 -30.27 -13.30 12.24
C LEU A 213 -28.91 -13.88 12.65
N MET A 214 -28.89 -14.63 13.76
CA MET A 214 -27.65 -15.17 14.29
C MET A 214 -26.94 -16.07 13.29
N ASN A 215 -27.69 -16.74 12.41
CA ASN A 215 -27.12 -17.67 11.44
C ASN A 215 -26.90 -17.02 10.08
N ASP A 216 -26.79 -15.70 10.03
CA ASP A 216 -26.45 -14.99 8.80
C ASP A 216 -25.16 -15.55 8.21
N GLN A 217 -25.11 -15.69 6.89
CA GLN A 217 -23.89 -16.15 6.22
C GLN A 217 -23.04 -15.02 5.66
N VAL A 218 -23.43 -13.76 5.86
CA VAL A 218 -22.65 -12.65 5.33
C VAL A 218 -21.79 -12.01 6.42
N CYS A 219 -22.41 -11.55 7.51
CA CYS A 219 -21.70 -10.88 8.58
CA CYS A 219 -21.66 -10.93 8.60
C CYS A 219 -22.35 -11.23 9.92
N PRO A 220 -22.40 -12.50 10.29
CA PRO A 220 -23.08 -12.89 11.53
C PRO A 220 -22.39 -12.32 12.75
N PRO A 221 -23.10 -12.27 13.89
CA PRO A 221 -22.48 -11.77 15.14
C PRO A 221 -21.19 -12.47 15.54
N ILE A 222 -21.00 -13.75 15.22
CA ILE A 222 -19.75 -14.40 15.60
C ILE A 222 -18.58 -13.79 14.84
N VAL A 223 -18.84 -13.27 13.63
CA VAL A 223 -17.80 -12.61 12.86
C VAL A 223 -17.60 -11.17 13.33
N THR A 224 -18.70 -10.42 13.57
CA THR A 224 -18.51 -9.04 13.99
C THR A 224 -17.87 -8.96 15.36
N ASP A 225 -18.14 -9.92 16.26
CA ASP A 225 -17.44 -9.96 17.53
C ASP A 225 -15.92 -9.93 17.31
N VAL A 226 -15.44 -10.71 16.34
CA VAL A 226 -14.01 -10.77 16.04
C VAL A 226 -13.53 -9.42 15.56
N MET A 227 -14.29 -8.82 14.64
CA MET A 227 -13.86 -7.55 14.05
C MET A 227 -13.79 -6.45 15.11
N TRP A 228 -14.80 -6.38 16.00
CA TRP A 228 -14.75 -5.38 17.06
C TRP A 228 -13.62 -5.67 18.04
N ASP A 229 -13.39 -6.96 18.34
CA ASP A 229 -12.29 -7.31 19.25
C ASP A 229 -10.95 -6.85 18.69
N LEU A 230 -10.77 -6.93 17.38
CA LEU A 230 -9.51 -6.52 16.77
C LEU A 230 -9.39 -5.00 16.56
N SER A 231 -10.50 -4.25 16.48
CA SER A 231 -10.42 -2.85 16.09
CA SER A 231 -10.46 -2.86 16.08
C SER A 231 -10.69 -1.87 17.21
N LEU A 232 -11.44 -2.25 18.24
CA LEU A 232 -11.71 -1.32 19.33
C LEU A 232 -10.44 -1.12 20.17
N PRO A 233 -10.31 0.05 20.81
CA PRO A 233 -9.15 0.28 21.69
C PRO A 233 -9.00 -0.82 22.72
N VAL A 234 -7.75 -1.13 23.06
CA VAL A 234 -7.48 -2.15 24.08
C VAL A 234 -8.29 -1.82 25.32
N GLY A 235 -9.02 -2.82 25.84
CA GLY A 235 -9.70 -2.68 27.10
C GLY A 235 -11.17 -2.31 27.04
N VAL A 236 -11.70 -1.90 25.89
CA VAL A 236 -13.11 -1.49 25.85
C VAL A 236 -13.92 -2.61 25.22
N ASP A 237 -15.23 -2.62 25.48
CA ASP A 237 -16.11 -3.62 24.91
C ASP A 237 -17.01 -2.95 23.89
N ARG A 238 -18.03 -3.67 23.42
CA ARG A 238 -18.79 -3.19 22.28
C ARG A 238 -19.80 -2.11 22.64
N ASP A 239 -20.00 -1.79 23.91
CA ASP A 239 -20.87 -0.67 24.24
C ASP A 239 -20.13 0.65 24.30
N HIS A 240 -18.93 0.70 23.74
CA HIS A 240 -18.20 1.94 23.54
C HIS A 240 -18.85 2.75 22.41
N GLU A 241 -18.74 4.08 22.49
CA GLU A 241 -19.37 4.91 21.46
C GLU A 241 -18.81 4.66 20.06
N TYR A 242 -17.59 4.12 19.92
CA TYR A 242 -17.07 3.84 18.58
C TYR A 242 -17.91 2.78 17.87
N SER A 243 -18.29 1.73 18.59
CA SER A 243 -19.11 0.71 17.99
CA SER A 243 -19.12 0.66 18.07
C SER A 243 -20.61 0.95 18.18
N ASN A 244 -21.02 1.58 19.28
CA ASN A 244 -22.45 1.75 19.62
C ASN A 244 -22.77 3.21 19.87
N PRO A 245 -23.23 3.95 18.85
CA PRO A 245 -23.51 5.39 19.03
C PRO A 245 -24.68 5.69 19.97
N THR A 246 -25.49 4.69 20.36
CA THR A 246 -26.65 4.93 21.21
C THR A 246 -26.35 4.84 22.70
N VAL A 247 -25.11 4.52 23.09
CA VAL A 247 -24.87 4.33 24.52
C VAL A 247 -24.96 5.68 25.22
N GLY A 248 -25.46 5.66 26.44
CA GLY A 248 -25.83 6.91 27.07
C GLY A 248 -26.92 7.55 26.24
N ASP A 249 -26.72 8.83 25.90
CA ASP A 249 -27.68 9.55 25.07
C ASP A 249 -27.03 9.99 23.76
N GLY A 250 -26.10 9.20 23.25
CA GLY A 250 -25.42 9.54 22.01
C GLY A 250 -24.45 10.69 22.21
N SER A 251 -23.75 11.04 21.12
CA SER A 251 -22.79 12.14 21.19
C SER A 251 -23.49 13.46 21.47
N GLU A 252 -22.83 14.31 22.27
CA GLU A 252 -23.34 15.67 22.46
C GLU A 252 -23.04 16.57 21.27
N LYS A 253 -22.73 15.96 20.13
CA LYS A 253 -22.47 16.67 18.89
C LYS A 253 -23.61 16.53 17.89
N LEU A 254 -24.58 15.66 18.15
CA LEU A 254 -25.66 15.44 17.20
C LEU A 254 -26.57 16.65 17.10
N GLU A 255 -26.87 17.30 18.22
CA GLU A 255 -27.69 18.51 18.17
C GLU A 255 -27.03 19.57 17.31
N LYS A 256 -25.71 19.69 17.42
CA LYS A 256 -24.98 20.66 16.62
C LYS A 256 -25.05 20.30 15.14
N ILE A 257 -24.90 19.00 14.82
CA ILE A 257 -25.10 18.53 13.45
C ILE A 257 -26.47 18.96 12.94
N GLY A 258 -27.49 18.83 13.80
CA GLY A 258 -28.83 19.26 13.42
C GLY A 258 -28.92 20.77 13.21
N ARG A 259 -28.30 21.55 14.09
CA ARG A 259 -28.35 23.01 13.96
C ARG A 259 -27.67 23.48 12.67
N LEU A 260 -26.58 22.83 12.28
CA LEU A 260 -25.91 23.19 11.04
C LEU A 260 -26.63 22.67 9.81
N ARG A 261 -27.73 21.94 10.01
CA ARG A 261 -28.54 21.40 8.92
C ARG A 261 -27.74 20.40 8.07
N TRP A 262 -26.74 19.72 8.65
CA TRP A 262 -26.18 18.57 7.92
C TRP A 262 -27.22 17.45 7.90
N LYS A 263 -27.65 17.06 6.71
CA LYS A 263 -28.59 15.95 6.56
C LYS A 263 -27.86 14.62 6.68
N VAL A 264 -28.55 13.60 7.18
CA VAL A 264 -27.95 12.27 7.26
C VAL A 264 -28.85 11.27 6.55
N MET A 265 -28.26 10.44 5.67
CA MET A 265 -29.03 9.37 5.03
C MET A 265 -28.57 8.04 5.61
N MET A 266 -29.51 7.29 6.18
CA MET A 266 -29.20 6.05 6.88
C MET A 266 -29.74 4.98 5.92
N ILE A 267 -28.86 4.16 5.36
CA ILE A 267 -29.25 3.12 4.41
C ILE A 267 -29.04 1.77 5.09
N GLY A 268 -30.09 0.94 5.12
CA GLY A 268 -30.01 -0.33 5.83
C GLY A 268 -30.76 -1.42 5.10
N GLY A 269 -30.29 -2.65 5.27
CA GLY A 269 -30.94 -3.82 4.70
C GLY A 269 -31.57 -4.66 5.81
N GLU A 270 -32.79 -5.14 5.58
CA GLU A 270 -33.52 -5.78 6.67
C GLU A 270 -32.99 -7.16 7.03
N ASP A 271 -32.17 -7.77 6.19
CA ASP A 271 -31.52 -9.04 6.51
C ASP A 271 -30.08 -8.85 6.99
N ASP A 272 -29.73 -7.64 7.39
CA ASP A 272 -28.44 -7.36 8.03
C ASP A 272 -28.62 -7.49 9.54
N PRO A 273 -27.84 -8.32 10.24
CA PRO A 273 -27.96 -8.38 11.71
C PRO A 273 -27.77 -7.03 12.39
N MET A 274 -27.14 -6.07 11.70
CA MET A 274 -26.86 -4.75 12.26
C MET A 274 -28.09 -3.84 12.22
N ILE A 275 -29.20 -4.30 11.61
CA ILE A 275 -30.28 -3.38 11.22
C ILE A 275 -30.95 -2.75 12.44
N ASP A 276 -31.14 -3.51 13.52
CA ASP A 276 -31.84 -2.96 14.68
C ASP A 276 -31.08 -1.77 15.25
N LEU A 277 -29.75 -1.91 15.39
CA LEU A 277 -28.95 -0.80 15.90
C LEU A 277 -28.88 0.34 14.89
N GLN A 278 -28.77 0.02 13.61
CA GLN A 278 -28.76 1.06 12.60
C GLN A 278 -30.04 1.88 12.66
N LYS A 279 -31.19 1.22 12.79
CA LYS A 279 -32.43 1.99 12.86
C LYS A 279 -32.49 2.80 14.14
N ASP A 280 -31.94 2.27 15.24
CA ASP A 280 -32.01 3.00 16.49
C ASP A 280 -31.08 4.20 16.49
N VAL A 281 -29.95 4.13 15.76
CA VAL A 281 -29.09 5.30 15.57
C VAL A 281 -29.84 6.39 14.78
N ALA A 282 -30.58 6.00 13.73
CA ALA A 282 -31.38 6.97 13.00
C ALA A 282 -32.39 7.65 13.92
N LYS A 283 -33.03 6.86 14.78
CA LYS A 283 -34.03 7.43 15.73
C LYS A 283 -33.36 8.45 16.64
N LEU A 284 -32.19 8.10 17.17
CA LEU A 284 -31.51 9.02 18.09
C LEU A 284 -31.17 10.32 17.38
N MET A 285 -30.62 10.22 16.17
CA MET A 285 -30.29 11.41 15.38
C MET A 285 -31.52 12.30 15.22
N LYS A 286 -32.66 11.71 14.86
CA LYS A 286 -33.90 12.47 14.68
C LYS A 286 -34.33 13.13 15.98
N LYS A 287 -34.23 12.42 17.10
CA LYS A 287 -34.58 12.99 18.40
C LYS A 287 -33.68 14.18 18.77
N LYS A 288 -32.42 14.17 18.30
CA LYS A 288 -31.50 15.26 18.54
C LYS A 288 -31.68 16.42 17.56
N GLY A 289 -32.66 16.34 16.66
CA GLY A 289 -32.91 17.40 15.72
C GLY A 289 -32.22 17.25 14.38
N VAL A 290 -31.59 16.11 14.10
CA VAL A 290 -30.97 15.87 12.80
C VAL A 290 -32.02 15.49 11.78
N GLU A 291 -31.90 16.04 10.58
CA GLU A 291 -32.77 15.65 9.48
C GLU A 291 -32.22 14.37 8.87
N VAL A 292 -32.95 13.27 9.06
CA VAL A 292 -32.50 11.94 8.68
C VAL A 292 -33.40 11.42 7.59
N VAL A 293 -32.80 11.01 6.47
CA VAL A 293 -33.53 10.34 5.40
C VAL A 293 -33.23 8.86 5.53
N GLU A 294 -34.26 8.06 5.74
CA GLU A 294 -34.08 6.63 5.96
C GLU A 294 -34.44 5.83 4.73
N HIS A 295 -33.60 4.84 4.43
CA HIS A 295 -33.73 4.06 3.19
C HIS A 295 -33.47 2.61 3.60
N TYR A 296 -34.54 1.88 3.92
CA TYR A 296 -34.45 0.49 4.36
C TYR A 296 -35.13 -0.42 3.36
N THR A 297 -34.52 -1.58 3.10
CA THR A 297 -35.01 -2.49 2.07
C THR A 297 -35.13 -3.90 2.61
N GLY A 298 -36.32 -4.49 2.51
CA GLY A 298 -36.48 -5.88 2.88
C GLY A 298 -35.64 -6.81 2.03
N GLY A 299 -35.15 -7.88 2.67
CA GLY A 299 -34.43 -8.92 1.96
C GLY A 299 -33.00 -8.62 1.62
N HIS A 300 -32.47 -7.46 2.03
CA HIS A 300 -31.10 -7.10 1.69
C HIS A 300 -30.16 -7.51 2.82
N VAL A 301 -29.10 -8.23 2.45
CA VAL A 301 -28.06 -8.64 3.41
C VAL A 301 -27.10 -7.48 3.60
N HIS A 302 -26.19 -7.61 4.57
CA HIS A 302 -25.18 -6.60 4.79
C HIS A 302 -24.33 -6.40 3.55
N GLY A 303 -24.18 -5.15 3.14
CA GLY A 303 -23.39 -4.86 1.95
C GLY A 303 -24.03 -5.33 0.66
N ALA A 304 -25.37 -5.41 0.64
CA ALA A 304 -26.09 -6.01 -0.49
C ALA A 304 -25.61 -5.46 -1.82
N GLU A 305 -25.54 -4.13 -1.94
CA GLU A 305 -25.24 -3.51 -3.22
C GLU A 305 -23.77 -3.64 -3.59
N ILE A 306 -22.88 -3.80 -2.61
CA ILE A 306 -21.48 -4.12 -2.92
C ILE A 306 -21.40 -5.48 -3.61
N ARG A 307 -22.08 -6.49 -3.04
CA ARG A 307 -21.97 -7.84 -3.56
C ARG A 307 -22.81 -8.07 -4.81
N ASP A 308 -23.86 -7.30 -5.04
CA ASP A 308 -24.74 -7.50 -6.19
C ASP A 308 -24.89 -6.20 -6.98
N PRO A 309 -24.14 -6.05 -8.08
CA PRO A 309 -24.23 -4.83 -8.89
C PRO A 309 -25.62 -4.52 -9.42
N SER A 310 -26.49 -5.52 -9.57
CA SER A 310 -27.84 -5.25 -10.07
C SER A 310 -28.71 -4.53 -9.04
N LYS A 311 -28.22 -4.31 -7.82
CA LYS A 311 -28.92 -3.51 -6.82
C LYS A 311 -28.38 -2.09 -6.72
N ARG A 312 -27.36 -1.74 -7.49
CA ARG A 312 -26.70 -0.46 -7.27
C ARG A 312 -27.53 0.72 -7.77
N LYS A 313 -28.16 0.58 -8.94
CA LYS A 313 -28.79 1.75 -9.57
C LYS A 313 -29.84 2.39 -8.68
N THR A 314 -30.74 1.61 -8.08
CA THR A 314 -31.79 2.27 -7.29
C THR A 314 -31.21 2.88 -6.02
N LEU A 315 -30.16 2.27 -5.46
CA LEU A 315 -29.46 2.92 -4.36
C LEU A 315 -28.88 4.25 -4.82
N PHE A 316 -28.17 4.26 -5.95
CA PHE A 316 -27.56 5.50 -6.42
C PHE A 316 -28.62 6.55 -6.74
N LEU A 317 -29.78 6.12 -7.27
CA LEU A 317 -30.84 7.10 -7.54
C LEU A 317 -31.34 7.75 -6.24
N SER A 318 -31.49 6.96 -5.18
CA SER A 318 -31.91 7.52 -3.89
CA SER A 318 -31.91 7.54 -3.90
C SER A 318 -30.85 8.47 -3.33
N ILE A 319 -29.58 8.11 -3.48
CA ILE A 319 -28.50 8.98 -2.99
C ILE A 319 -28.47 10.28 -3.78
N LYS A 320 -28.62 10.19 -5.12
CA LYS A 320 -28.67 11.40 -5.94
C LYS A 320 -29.80 12.32 -5.50
N ASN A 321 -30.99 11.75 -5.23
CA ASN A 321 -32.11 12.56 -4.74
C ASN A 321 -31.76 13.24 -3.43
N PHE A 322 -31.14 12.49 -2.51
CA PHE A 322 -30.68 13.04 -1.24
C PHE A 322 -29.73 14.22 -1.44
N ILE A 323 -28.73 14.03 -2.28
CA ILE A 323 -27.77 15.10 -2.55
C ILE A 323 -28.46 16.33 -3.13
N PHE A 324 -29.38 16.14 -4.08
CA PHE A 324 -30.10 17.29 -4.64
C PHE A 324 -30.97 17.97 -3.60
N SER A 325 -31.40 17.23 -2.57
CA SER A 325 -32.36 17.73 -1.59
C SER A 325 -31.79 18.78 -0.65
N VAL A 326 -30.47 18.96 -0.58
CA VAL A 326 -29.93 20.01 0.27
C VAL A 326 -30.13 21.36 -0.43
N SER B 5 11.54 -14.27 22.95
CA SER B 5 11.22 -13.98 21.56
C SER B 5 12.44 -13.65 20.67
N PRO B 6 13.52 -13.00 21.22
CA PRO B 6 14.75 -12.78 20.42
C PRO B 6 15.18 -14.00 19.63
N ILE B 7 15.61 -13.80 18.38
CA ILE B 7 15.93 -14.92 17.52
C ILE B 7 17.26 -15.52 17.98
N ALA B 8 17.24 -16.81 18.32
CA ALA B 8 18.41 -17.47 18.88
C ALA B 8 19.10 -18.39 17.89
N ASP B 9 18.44 -18.75 16.79
CA ASP B 9 19.00 -19.72 15.85
C ASP B 9 18.72 -19.13 14.47
N PRO B 10 19.68 -18.41 13.91
CA PRO B 10 19.42 -17.72 12.63
C PRO B 10 19.19 -18.68 11.47
N TYR B 11 19.81 -19.86 11.50
CA TYR B 11 19.68 -20.81 10.40
C TYR B 11 18.26 -21.37 10.32
N ALA B 12 17.69 -21.74 11.47
CA ALA B 12 16.28 -22.13 11.53
C ALA B 12 15.37 -21.00 11.05
N TYR B 13 15.63 -19.77 11.53
CA TYR B 13 14.81 -18.64 11.09
C TYR B 13 14.81 -18.52 9.57
N LEU B 14 15.98 -18.72 8.94
CA LEU B 14 16.13 -18.59 7.49
C LEU B 14 15.68 -19.83 6.71
N ASN B 15 15.38 -20.95 7.38
CA ASN B 15 15.01 -22.21 6.73
C ASN B 15 16.13 -22.74 5.83
N ILE B 16 17.34 -22.80 6.36
CA ILE B 16 18.49 -23.35 5.66
C ILE B 16 19.26 -24.25 6.63
N VAL B 17 19.94 -25.25 6.06
CA VAL B 17 20.76 -26.17 6.88
C VAL B 17 22.05 -26.39 6.08
N ASN B 18 23.19 -25.96 6.62
CA ASN B 18 24.45 -26.05 5.82
C ASN B 18 24.70 -27.48 5.33
N ASN B 19 25.41 -27.62 4.21
CA ASN B 19 25.77 -28.97 3.70
C ASN B 19 27.24 -29.22 3.96
N PRO B 20 27.75 -30.47 4.03
CA PRO B 20 29.20 -30.59 4.18
C PRO B 20 29.93 -29.63 3.24
N SER B 23 27.93 -25.21 -0.18
CA SER B 23 26.52 -24.96 -0.49
C SER B 23 25.67 -25.04 0.76
N ILE B 24 24.37 -24.71 0.64
CA ILE B 24 23.41 -24.89 1.71
C ILE B 24 22.19 -25.55 1.09
N THR B 25 21.33 -26.08 1.95
CA THR B 25 20.03 -26.59 1.53
C THR B 25 18.94 -25.62 1.96
N ARG B 26 18.19 -25.11 1.00
CA ARG B 26 17.11 -24.16 1.24
C ARG B 26 15.76 -24.88 1.17
N ASP B 27 14.87 -24.56 2.10
CA ASP B 27 13.50 -25.06 2.03
C ASP B 27 12.66 -24.00 1.31
N LEU B 28 12.32 -24.29 0.07
CA LEU B 28 11.61 -23.35 -0.79
C LEU B 28 10.10 -23.52 -0.72
N SER B 29 9.61 -24.29 0.24
CA SER B 29 8.19 -24.68 0.26
C SER B 29 7.27 -23.54 0.68
N ASN B 30 7.72 -22.68 1.59
CA ASN B 30 6.91 -21.56 2.06
C ASN B 30 7.15 -20.29 1.25
N PHE B 31 7.92 -20.37 0.16
CA PHE B 31 8.09 -19.27 -0.79
C PHE B 31 7.23 -19.51 -2.02
N PRO B 32 5.98 -19.03 -2.06
CA PRO B 32 5.16 -19.20 -3.27
C PRO B 32 5.74 -18.44 -4.45
N CYS B 33 5.87 -19.11 -5.60
CA CYS B 33 6.23 -18.44 -6.84
C CYS B 33 5.03 -18.26 -7.74
N THR B 34 5.23 -17.55 -8.85
CA THR B 34 4.12 -17.29 -9.76
C THR B 34 4.59 -17.18 -11.22
N ALA B 35 3.71 -17.60 -12.10
CA ALA B 35 4.00 -17.62 -13.53
C ALA B 35 4.03 -16.20 -14.11
N ALA B 36 4.86 -16.03 -15.13
CA ALA B 36 4.72 -14.86 -15.99
C ALA B 36 3.33 -14.85 -16.63
N THR B 37 2.79 -13.65 -16.83
CA THR B 37 1.43 -13.45 -17.34
C THR B 37 1.49 -12.45 -18.49
N PRO B 38 1.71 -12.92 -19.72
CA PRO B 38 1.85 -12.00 -20.86
C PRO B 38 0.54 -11.40 -21.34
N ASP B 39 -0.62 -11.95 -20.94
CA ASP B 39 -1.90 -11.48 -21.46
C ASP B 39 -2.50 -10.44 -20.52
N PRO B 40 -2.94 -9.30 -21.02
CA PRO B 40 -3.50 -8.28 -20.12
C PRO B 40 -4.79 -8.75 -19.46
N SER B 41 -5.00 -8.28 -18.24
CA SER B 41 -6.12 -8.70 -17.42
C SER B 41 -6.44 -7.57 -16.45
N PRO B 42 -7.72 -7.35 -16.13
CA PRO B 42 -8.05 -6.44 -15.02
C PRO B 42 -7.35 -6.84 -13.72
N LEU B 43 -7.16 -8.15 -13.50
CA LEU B 43 -6.53 -8.69 -12.31
C LEU B 43 -5.04 -8.36 -12.21
N ASN B 44 -4.40 -8.06 -13.33
CA ASN B 44 -2.93 -7.91 -13.36
C ASN B 44 -2.54 -6.50 -13.74
N PRO B 45 -1.95 -5.72 -12.83
CA PRO B 45 -1.55 -4.36 -13.20
C PRO B 45 -0.50 -4.33 -14.30
N ALA B 46 0.27 -5.41 -14.45
CA ALA B 46 1.29 -5.48 -15.50
C ALA B 46 1.22 -6.82 -16.22
N VAL B 47 1.63 -6.81 -17.53
CA VAL B 47 1.92 -8.05 -18.25
C VAL B 47 3.41 -8.34 -18.09
N SER B 48 3.78 -9.61 -18.18
CA SER B 48 5.14 -10.03 -17.88
C SER B 48 5.53 -11.24 -18.72
N LYS B 49 6.83 -11.35 -18.97
CA LYS B 49 7.39 -12.48 -19.68
C LYS B 49 8.84 -12.66 -19.25
N ASP B 50 9.34 -13.88 -19.43
CA ASP B 50 10.69 -14.25 -19.01
C ASP B 50 11.59 -14.44 -20.21
N LEU B 51 12.82 -13.93 -20.12
CA LEU B 51 13.81 -14.09 -21.18
C LEU B 51 15.13 -14.52 -20.57
N PRO B 52 15.91 -15.36 -21.28
CA PRO B 52 17.23 -15.77 -20.77
C PRO B 52 18.27 -14.67 -20.97
N VAL B 53 19.22 -14.62 -20.04
CA VAL B 53 20.37 -13.70 -20.13
C VAL B 53 21.67 -14.44 -20.45
N ASN B 54 22.06 -15.39 -19.60
CA ASN B 54 23.37 -16.02 -19.75
C ASN B 54 23.22 -17.51 -19.53
N GLN B 55 23.48 -18.31 -20.58
CA GLN B 55 23.24 -19.75 -20.49
C GLN B 55 24.19 -20.44 -19.52
N LEU B 56 25.46 -20.05 -19.50
CA LEU B 56 26.40 -20.68 -18.58
C LEU B 56 25.98 -20.49 -17.13
N LYS B 57 25.43 -19.32 -16.82
CA LYS B 57 25.06 -18.97 -15.47
C LYS B 57 23.62 -19.36 -15.13
N SER B 58 22.85 -19.77 -16.14
CA SER B 58 21.41 -20.00 -16.04
C SER B 58 20.67 -18.79 -15.47
N THR B 59 21.11 -17.58 -15.86
CA THR B 59 20.44 -16.37 -15.41
C THR B 59 19.45 -15.90 -16.45
N TRP B 60 18.43 -15.20 -15.97
CA TRP B 60 17.29 -14.80 -16.78
C TRP B 60 16.71 -13.53 -16.20
N LEU B 61 15.62 -13.06 -16.79
CA LEU B 61 14.94 -11.90 -16.24
C LEU B 61 13.45 -11.99 -16.54
N ARG B 62 12.69 -11.23 -15.76
CA ARG B 62 11.27 -11.01 -16.02
C ARG B 62 11.05 -9.56 -16.38
N LEU B 63 10.36 -9.34 -17.50
CA LEU B 63 10.01 -8.01 -18.00
C LEU B 63 8.57 -7.72 -17.57
N TYR B 64 8.32 -6.51 -17.09
CA TYR B 64 6.97 -6.11 -16.68
C TYR B 64 6.59 -4.84 -17.44
N LEU B 65 5.41 -4.86 -18.04
CA LEU B 65 4.91 -3.69 -18.74
C LEU B 65 3.54 -3.33 -18.16
N PRO B 66 3.24 -2.05 -17.96
CA PRO B 66 1.87 -1.69 -17.55
C PRO B 66 0.87 -2.26 -18.55
N SER B 67 -0.19 -2.87 -18.03
CA SER B 67 -1.19 -3.46 -18.92
C SER B 67 -1.77 -2.40 -19.86
N SER B 68 -1.91 -1.18 -19.36
CA SER B 68 -2.36 -0.06 -20.18
C SER B 68 -1.45 0.24 -21.36
N ALA B 69 -0.25 -0.34 -21.41
CA ALA B 69 0.65 -0.16 -22.55
C ALA B 69 0.45 -1.20 -23.65
N VAL B 70 -0.38 -2.20 -23.43
CA VAL B 70 -0.59 -3.23 -24.45
C VAL B 70 -2.06 -3.39 -24.77
N GLN B 78 4.32 5.16 -26.46
CA GLN B 78 5.14 6.02 -25.61
C GLN B 78 6.34 5.21 -25.10
N LYS B 79 7.47 5.87 -24.91
CA LYS B 79 8.63 5.21 -24.33
C LYS B 79 8.67 5.49 -22.83
N LEU B 80 8.73 4.41 -22.04
CA LEU B 80 8.67 4.42 -20.59
C LEU B 80 10.06 4.34 -19.98
N PRO B 81 10.28 5.05 -18.88
CA PRO B 81 11.52 4.85 -18.12
C PRO B 81 11.73 3.37 -17.84
N ILE B 82 13.00 2.98 -17.87
CA ILE B 82 13.41 1.61 -17.56
C ILE B 82 13.81 1.57 -16.10
N VAL B 83 13.15 0.74 -15.31
CA VAL B 83 13.53 0.51 -13.91
C VAL B 83 14.07 -0.91 -13.81
N VAL B 84 15.38 -1.04 -13.64
CA VAL B 84 16.00 -2.34 -13.39
C VAL B 84 15.89 -2.63 -11.91
N TYR B 85 15.24 -3.73 -11.56
CA TYR B 85 14.94 -4.05 -10.17
C TYR B 85 15.63 -5.34 -9.75
N TYR B 86 16.43 -5.27 -8.69
CA TYR B 86 17.08 -6.45 -8.10
C TYR B 86 16.38 -6.81 -6.80
N HIS B 87 15.87 -8.06 -6.70
CA HIS B 87 15.14 -8.53 -5.53
C HIS B 87 16.06 -8.73 -4.32
N GLY B 88 15.45 -8.85 -3.15
CA GLY B 88 16.15 -9.07 -1.90
C GLY B 88 16.29 -10.55 -1.55
N GLY B 89 16.80 -10.79 -0.36
CA GLY B 89 17.08 -12.17 0.05
C GLY B 89 18.46 -12.38 0.64
N GLY B 90 19.12 -11.30 1.08
CA GLY B 90 20.39 -11.41 1.77
C GLY B 90 21.55 -11.96 0.97
N PHE B 91 21.45 -11.97 -0.37
CA PHE B 91 22.35 -12.60 -1.33
C PHE B 91 22.35 -14.12 -1.27
N ILE B 92 21.55 -14.74 -0.39
CA ILE B 92 21.55 -16.18 -0.21
C ILE B 92 20.23 -16.84 -0.59
N LEU B 93 19.15 -16.07 -0.73
CA LEU B 93 17.79 -16.61 -0.87
C LEU B 93 17.00 -15.81 -1.88
N CYS B 94 15.76 -16.28 -2.15
CA CYS B 94 14.78 -15.52 -2.98
C CYS B 94 15.00 -15.55 -4.50
N SER B 95 13.90 -15.41 -5.25
CA SER B 95 13.92 -15.58 -6.73
C SER B 95 13.02 -14.55 -7.40
N VAL B 96 13.37 -14.15 -8.62
CA VAL B 96 12.57 -13.17 -9.38
C VAL B 96 11.10 -13.55 -9.38
N ASP B 97 10.80 -14.83 -9.51
CA ASP B 97 9.41 -15.26 -9.65
C ASP B 97 8.70 -15.54 -8.33
N MET B 98 9.31 -15.31 -7.17
CA MET B 98 8.47 -15.33 -5.96
C MET B 98 7.31 -14.36 -6.09
N GLN B 99 6.15 -14.80 -5.62
CA GLN B 99 4.95 -14.00 -5.75
C GLN B 99 5.15 -12.65 -5.10
N LEU B 100 5.87 -12.61 -3.96
CA LEU B 100 6.16 -11.34 -3.29
C LEU B 100 6.82 -10.33 -4.22
N PHE B 101 7.89 -10.75 -4.87
CA PHE B 101 8.62 -9.85 -5.75
C PHE B 101 7.92 -9.64 -7.09
N HIS B 102 7.24 -10.66 -7.60
CA HIS B 102 6.49 -10.49 -8.84
C HIS B 102 5.39 -9.44 -8.69
N ASP B 103 4.58 -9.55 -7.62
CA ASP B 103 3.51 -8.59 -7.41
C ASP B 103 4.06 -7.19 -7.16
N PHE B 104 5.15 -7.10 -6.39
CA PHE B 104 5.81 -5.82 -6.16
C PHE B 104 6.23 -5.17 -7.46
N CYS B 105 6.94 -5.91 -8.33
CA CYS B 105 7.39 -5.34 -9.60
C CYS B 105 6.23 -5.00 -10.52
N SER B 106 5.19 -5.85 -10.54
CA SER B 106 4.03 -5.57 -11.39
C SER B 106 3.38 -4.26 -11.00
N GLU B 107 3.18 -4.07 -9.68
CA GLU B 107 2.58 -2.85 -9.16
C GLU B 107 3.48 -1.64 -9.39
N VAL B 108 4.80 -1.81 -9.18
CA VAL B 108 5.77 -0.76 -9.50
C VAL B 108 5.62 -0.29 -10.96
N ALA B 109 5.65 -1.24 -11.89
CA ALA B 109 5.55 -0.88 -13.30
C ALA B 109 4.29 -0.06 -13.56
N ARG B 110 3.17 -0.52 -13.04
CA ARG B 110 1.90 0.17 -13.28
C ARG B 110 1.88 1.56 -12.63
N ASP B 111 2.26 1.66 -11.35
CA ASP B 111 2.12 2.95 -10.67
C ASP B 111 3.15 3.96 -11.16
N LEU B 112 4.34 3.52 -11.55
CA LEU B 112 5.32 4.45 -12.11
C LEU B 112 5.12 4.73 -13.59
N ASN B 113 4.37 3.88 -14.29
CA ASN B 113 4.32 3.91 -15.75
C ASN B 113 5.72 3.71 -16.34
N ALA B 114 6.32 2.59 -15.94
CA ALA B 114 7.69 2.23 -16.32
C ALA B 114 7.69 0.79 -16.82
N ILE B 115 8.67 0.46 -17.64
CA ILE B 115 8.96 -0.94 -17.93
C ILE B 115 9.96 -1.39 -16.86
N VAL B 116 9.61 -2.44 -16.13
CA VAL B 116 10.48 -2.95 -15.07
C VAL B 116 11.17 -4.18 -15.60
N VAL B 117 12.50 -4.22 -15.42
CA VAL B 117 13.35 -5.34 -15.79
C VAL B 117 13.89 -5.92 -14.51
N SER B 118 13.47 -7.15 -14.17
CA SER B 118 13.84 -7.79 -12.92
CA SER B 118 13.84 -7.79 -12.92
C SER B 118 14.78 -8.96 -13.19
N PRO B 119 16.09 -8.78 -13.09
CA PRO B 119 17.00 -9.88 -13.43
C PRO B 119 17.29 -10.82 -12.26
N SER B 120 17.45 -12.09 -12.60
CA SER B 120 17.92 -13.06 -11.64
C SER B 120 19.42 -12.85 -11.40
N TYR B 121 19.88 -13.33 -10.25
CA TYR B 121 21.30 -13.31 -9.96
C TYR B 121 21.65 -14.53 -9.14
N ARG B 122 22.86 -15.03 -9.35
CA ARG B 122 23.29 -16.23 -8.66
C ARG B 122 23.41 -15.99 -7.17
N LEU B 123 23.09 -17.01 -6.38
CA LEU B 123 23.02 -16.89 -4.94
C LEU B 123 24.24 -17.49 -4.25
N ALA B 124 24.60 -16.93 -3.11
CA ALA B 124 25.64 -17.43 -2.24
C ALA B 124 25.06 -18.45 -1.28
N PRO B 125 25.89 -19.35 -0.69
CA PRO B 125 27.36 -19.47 -0.79
C PRO B 125 27.86 -20.18 -2.05
N GLU B 126 26.95 -20.76 -2.85
CA GLU B 126 27.36 -21.38 -4.11
C GLU B 126 28.14 -20.41 -4.98
N HIS B 127 27.67 -19.16 -5.06
CA HIS B 127 28.30 -18.12 -5.87
C HIS B 127 28.42 -16.90 -4.96
N ARG B 128 29.54 -16.78 -4.24
CA ARG B 128 29.72 -15.68 -3.30
C ARG B 128 29.93 -14.37 -4.05
N LEU B 129 29.72 -13.25 -3.34
CA LEU B 129 29.99 -11.95 -3.91
C LEU B 129 31.43 -11.93 -4.40
N PRO B 130 31.74 -11.25 -5.52
CA PRO B 130 30.89 -10.36 -6.33
C PRO B 130 30.05 -11.00 -7.45
N ALA B 131 29.74 -12.29 -7.35
CA ALA B 131 28.99 -12.94 -8.43
C ALA B 131 27.69 -12.21 -8.72
N ALA B 132 26.93 -11.88 -7.67
CA ALA B 132 25.67 -11.17 -7.88
C ALA B 132 25.89 -9.85 -8.61
N TYR B 133 26.97 -9.14 -8.28
CA TYR B 133 27.25 -7.87 -8.95
C TYR B 133 27.57 -8.06 -10.42
N ASP B 134 28.40 -9.06 -10.75
CA ASP B 134 28.65 -9.41 -12.15
C ASP B 134 27.35 -9.67 -12.88
N ASP B 135 26.43 -10.40 -12.24
CA ASP B 135 25.14 -10.68 -12.89
C ASP B 135 24.32 -9.41 -13.04
N GLY B 136 24.36 -8.53 -12.04
CA GLY B 136 23.63 -7.28 -12.16
C GLY B 136 24.16 -6.40 -13.28
N VAL B 137 25.49 -6.40 -13.47
CA VAL B 137 26.09 -5.64 -14.56
C VAL B 137 25.72 -6.25 -15.91
N GLU B 138 25.71 -7.57 -15.99
CA GLU B 138 25.44 -8.22 -17.27
C GLU B 138 24.02 -7.98 -17.71
N ALA B 139 23.10 -7.82 -16.76
CA ALA B 139 21.71 -7.54 -17.10
C ALA B 139 21.61 -6.23 -17.88
N LEU B 140 22.42 -5.23 -17.53
CA LEU B 140 22.44 -3.99 -18.31
C LEU B 140 23.00 -4.23 -19.71
N ASP B 141 24.08 -5.01 -19.83
CA ASP B 141 24.57 -5.34 -21.17
C ASP B 141 23.50 -6.03 -21.99
N TRP B 142 22.64 -6.82 -21.35
CA TRP B 142 21.58 -7.51 -22.08
C TRP B 142 20.54 -6.53 -22.63
N ILE B 143 20.14 -5.55 -21.81
CA ILE B 143 19.13 -4.58 -22.26
C ILE B 143 19.65 -3.80 -23.45
N LYS B 144 20.92 -3.36 -23.37
CA LYS B 144 21.54 -2.58 -24.42
C LYS B 144 21.41 -3.24 -25.79
N THR B 145 21.53 -4.57 -25.84
CA THR B 145 21.54 -5.28 -27.11
C THR B 145 20.26 -6.06 -27.39
N SER B 146 19.20 -5.86 -26.62
CA SER B 146 18.00 -6.67 -26.80
C SER B 146 17.23 -6.24 -28.04
N ASP B 147 16.73 -7.22 -28.79
CA ASP B 147 15.81 -6.95 -29.89
C ASP B 147 14.39 -7.41 -29.57
N ASP B 148 14.07 -7.61 -28.29
CA ASP B 148 12.74 -8.08 -27.93
C ASP B 148 11.73 -6.95 -28.15
N GLU B 149 10.52 -7.32 -28.57
CA GLU B 149 9.58 -6.31 -29.04
C GLU B 149 9.09 -5.39 -27.92
N TRP B 150 8.94 -5.91 -26.70
CA TRP B 150 8.55 -5.02 -25.60
C TRP B 150 9.60 -3.96 -25.35
N ILE B 151 10.88 -4.38 -25.34
CA ILE B 151 11.98 -3.43 -25.18
C ILE B 151 11.97 -2.43 -26.34
N LYS B 152 11.95 -2.94 -27.58
CA LYS B 152 12.09 -2.06 -28.74
C LYS B 152 10.97 -1.03 -28.81
N SER B 153 9.74 -1.44 -28.49
CA SER B 153 8.59 -0.55 -28.67
C SER B 153 8.29 0.34 -27.47
N HIS B 154 8.72 -0.03 -26.25
CA HIS B 154 8.25 0.68 -25.08
C HIS B 154 9.32 1.27 -24.17
N ALA B 155 10.59 0.89 -24.32
CA ALA B 155 11.62 1.24 -23.35
C ALA B 155 12.33 2.54 -23.76
N ASP B 156 12.34 3.52 -22.85
CA ASP B 156 13.11 4.76 -23.02
C ASP B 156 14.54 4.51 -22.56
N PHE B 157 15.44 4.29 -23.51
CA PHE B 157 16.83 3.96 -23.17
C PHE B 157 17.57 5.12 -22.51
N SER B 158 17.06 6.34 -22.65
CA SER B 158 17.71 7.50 -22.06
C SER B 158 17.38 7.72 -20.59
N ASN B 159 16.46 6.93 -20.01
CA ASN B 159 15.99 7.12 -18.64
C ASN B 159 16.02 5.79 -17.91
N VAL B 160 17.19 5.35 -17.49
CA VAL B 160 17.34 4.06 -16.81
C VAL B 160 17.60 4.31 -15.34
N PHE B 161 16.84 3.64 -14.48
CA PHE B 161 17.08 3.67 -13.03
C PHE B 161 17.41 2.28 -12.52
N LEU B 162 18.40 2.21 -11.62
CA LEU B 162 18.79 0.96 -10.97
C LEU B 162 18.18 0.93 -9.57
N MET B 163 17.28 0.00 -9.34
CA MET B 163 16.65 -0.08 -8.04
C MET B 163 16.74 -1.49 -7.47
N GLY B 164 16.67 -1.58 -6.15
CA GLY B 164 16.63 -2.90 -5.52
C GLY B 164 16.22 -2.79 -4.07
N THR B 165 15.71 -3.90 -3.54
CA THR B 165 15.29 -3.99 -2.14
C THR B 165 16.30 -4.84 -1.38
N SER B 166 16.76 -4.33 -0.24
CA SER B 166 17.64 -5.08 0.68
C SER B 166 18.90 -5.53 -0.04
N ALA B 167 19.17 -6.84 -0.18
CA ALA B 167 20.35 -7.24 -0.95
C ALA B 167 20.33 -6.63 -2.35
N GLY B 168 19.13 -6.50 -2.93
CA GLY B 168 19.02 -5.91 -4.25
C GLY B 168 19.40 -4.44 -4.29
N GLY B 169 19.15 -3.71 -3.20
CA GLY B 169 19.59 -2.32 -3.15
C GLY B 169 21.11 -2.22 -3.04
N ASN B 170 21.72 -3.12 -2.26
CA ASN B 170 23.17 -3.22 -2.25
C ASN B 170 23.69 -3.53 -3.66
N LEU B 171 23.05 -4.49 -4.32
CA LEU B 171 23.40 -4.85 -5.68
C LEU B 171 23.29 -3.65 -6.61
N ALA B 172 22.18 -2.91 -6.54
CA ALA B 172 22.01 -1.75 -7.42
C ALA B 172 23.13 -0.72 -7.20
N TYR B 173 23.45 -0.44 -5.94
CA TYR B 173 24.52 0.50 -5.61
C TYR B 173 25.82 0.07 -6.27
N ASN B 174 26.15 -1.21 -6.15
CA ASN B 174 27.42 -1.69 -6.68
C ASN B 174 27.44 -1.75 -8.21
N VAL B 175 26.29 -2.03 -8.84
CA VAL B 175 26.23 -1.92 -10.30
C VAL B 175 26.48 -0.47 -10.71
N GLY B 176 25.94 0.48 -9.95
CA GLY B 176 26.25 1.88 -10.23
C GLY B 176 27.75 2.16 -10.15
N LEU B 177 28.39 1.73 -9.06
CA LEU B 177 29.83 1.94 -8.91
C LEU B 177 30.58 1.34 -10.09
N ARG B 178 30.16 0.16 -10.53
CA ARG B 178 30.82 -0.54 -11.62
CA ARG B 178 30.86 -0.52 -11.62
C ARG B 178 30.52 0.04 -13.00
N SER B 179 29.61 1.00 -13.08
CA SER B 179 29.22 1.57 -14.37
C SER B 179 29.73 2.99 -14.61
N VAL B 180 30.39 3.62 -13.62
CA VAL B 180 30.74 5.04 -13.78
C VAL B 180 31.71 5.27 -14.94
N ASP B 181 32.55 4.30 -15.27
CA ASP B 181 33.46 4.48 -16.42
C ASP B 181 32.92 3.82 -17.67
N SER B 182 31.63 3.47 -17.70
CA SER B 182 31.05 2.67 -18.76
C SER B 182 29.97 3.40 -19.55
N VAL B 183 29.92 4.73 -19.49
CA VAL B 183 28.85 5.46 -20.18
C VAL B 183 28.88 5.15 -21.68
N SER B 184 30.08 5.14 -22.29
CA SER B 184 30.17 4.87 -23.72
C SER B 184 29.83 3.42 -24.02
N ASP B 185 30.32 2.52 -23.16
CA ASP B 185 30.11 1.09 -23.36
C ASP B 185 28.64 0.71 -23.18
N LEU B 186 27.94 1.37 -22.26
CA LEU B 186 26.53 1.07 -22.01
C LEU B 186 25.60 1.66 -23.06
N SER B 187 26.06 2.68 -23.79
CA SER B 187 25.19 3.46 -24.64
C SER B 187 24.62 2.56 -25.74
N PRO B 188 23.36 2.77 -26.16
CA PRO B 188 22.43 3.89 -25.87
C PRO B 188 21.66 3.81 -24.55
N LEU B 189 21.92 2.80 -23.72
CA LEU B 189 21.40 2.79 -22.35
C LEU B 189 22.08 3.87 -21.52
N GLN B 190 21.29 4.71 -20.84
CA GLN B 190 21.83 5.83 -20.07
C GLN B 190 21.27 5.79 -18.65
N ILE B 191 22.14 5.53 -17.67
CA ILE B 191 21.71 5.53 -16.28
C ILE B 191 21.41 6.96 -15.84
N ARG B 192 20.28 7.15 -15.16
CA ARG B 192 19.93 8.45 -14.59
C ARG B 192 20.01 8.48 -13.07
N GLY B 193 19.93 7.33 -12.41
CA GLY B 193 19.79 7.33 -10.97
C GLY B 193 19.71 5.95 -10.40
N LEU B 194 19.79 5.90 -9.06
CA LEU B 194 19.70 4.70 -8.26
C LEU B 194 18.59 4.86 -7.24
N ILE B 195 17.86 3.79 -6.98
CA ILE B 195 16.78 3.80 -6.02
C ILE B 195 17.05 2.68 -5.04
N LEU B 196 17.50 3.01 -3.84
CA LEU B 196 17.96 2.03 -2.87
C LEU B 196 16.89 1.86 -1.79
N HIS B 197 16.18 0.72 -1.86
CA HIS B 197 15.04 0.44 -0.97
C HIS B 197 15.51 -0.45 0.17
N HIS B 198 15.68 0.15 1.35
CA HIS B 198 16.20 -0.54 2.53
C HIS B 198 17.44 -1.37 2.19
N PRO B 199 18.49 -0.77 1.63
CA PRO B 199 19.60 -1.58 1.11
C PRO B 199 20.36 -2.29 2.23
N PHE B 200 20.86 -3.48 1.89
CA PHE B 200 21.48 -4.39 2.85
C PHE B 200 22.94 -4.00 3.04
N PHE B 201 23.22 -3.30 4.16
CA PHE B 201 24.58 -2.87 4.51
C PHE B 201 24.84 -3.23 5.96
N GLY B 202 26.06 -3.63 6.27
CA GLY B 202 26.41 -3.89 7.65
C GLY B 202 27.91 -3.80 7.81
N GLY B 203 28.35 -3.47 9.03
CA GLY B 203 29.76 -3.43 9.35
C GLY B 203 30.13 -4.44 10.44
N GLU B 204 31.42 -4.45 10.77
CA GLU B 204 31.91 -5.37 11.80
C GLU B 204 31.45 -4.90 13.19
N GLU B 205 31.83 -3.69 13.58
CA GLU B 205 31.34 -3.15 14.84
C GLU B 205 29.84 -2.85 14.72
N ARG B 206 29.09 -3.09 15.81
CA ARG B 206 27.66 -2.81 15.82
C ARG B 206 27.39 -1.31 15.80
N SER B 207 26.45 -0.88 14.94
CA SER B 207 25.97 0.49 14.99
C SER B 207 25.00 0.66 16.16
N GLU B 208 24.68 1.93 16.45
CA GLU B 208 23.73 2.20 17.53
C GLU B 208 22.40 1.54 17.25
N SER B 209 21.93 1.61 16.00
CA SER B 209 20.64 1.00 15.70
C SER B 209 20.70 -0.53 15.74
N GLU B 210 21.84 -1.14 15.41
CA GLU B 210 21.94 -2.60 15.53
C GLU B 210 21.87 -3.05 17.00
N ILE B 211 22.44 -2.26 17.91
CA ILE B 211 22.36 -2.60 19.33
C ILE B 211 20.95 -2.36 19.84
N ARG B 212 20.41 -1.18 19.54
CA ARG B 212 19.08 -0.81 20.02
C ARG B 212 18.03 -1.80 19.54
N LEU B 213 18.15 -2.26 18.30
CA LEU B 213 17.15 -3.13 17.69
C LEU B 213 17.67 -4.56 17.59
N MET B 214 18.54 -4.96 18.52
CA MET B 214 19.15 -6.29 18.49
CA MET B 214 19.14 -6.28 18.46
C MET B 214 18.09 -7.38 18.56
N ASN B 215 16.93 -7.11 19.16
CA ASN B 215 15.88 -8.12 19.28
C ASN B 215 14.86 -8.03 18.16
N ASP B 216 15.22 -7.37 17.05
CA ASP B 216 14.32 -7.28 15.92
C ASP B 216 13.90 -8.68 15.49
N GLN B 217 12.66 -8.81 15.03
CA GLN B 217 12.10 -10.10 14.62
C GLN B 217 12.09 -10.28 13.10
N VAL B 218 12.58 -9.31 12.34
CA VAL B 218 12.57 -9.39 10.88
C VAL B 218 13.94 -9.74 10.34
N CYS B 219 14.95 -8.96 10.69
CA CYS B 219 16.31 -9.14 10.20
CA CYS B 219 16.32 -9.19 10.21
C CYS B 219 17.32 -8.68 11.24
N PRO B 220 17.39 -9.32 12.41
CA PRO B 220 18.27 -8.84 13.47
C PRO B 220 19.73 -9.14 13.15
N PRO B 221 20.66 -8.52 13.88
CA PRO B 221 22.10 -8.74 13.59
C PRO B 221 22.55 -10.19 13.62
N ILE B 222 21.99 -11.03 14.50
CA ILE B 222 22.39 -12.42 14.51
C ILE B 222 22.08 -13.08 13.17
N VAL B 223 21.02 -12.63 12.50
CA VAL B 223 20.66 -13.15 11.18
C VAL B 223 21.51 -12.52 10.08
N THR B 224 21.70 -11.18 10.12
CA THR B 224 22.52 -10.57 9.08
C THR B 224 23.97 -11.05 9.18
N ASP B 225 24.45 -11.38 10.38
CA ASP B 225 25.80 -11.96 10.47
C ASP B 225 25.91 -13.24 9.63
N VAL B 226 24.89 -14.09 9.66
CA VAL B 226 24.91 -15.33 8.89
C VAL B 226 24.91 -15.03 7.38
N MET B 227 24.03 -14.14 6.93
CA MET B 227 24.01 -13.81 5.51
C MET B 227 25.34 -13.23 5.02
N TRP B 228 25.98 -12.35 5.81
CA TRP B 228 27.27 -11.82 5.36
C TRP B 228 28.34 -12.89 5.36
N ASP B 229 28.33 -13.77 6.37
CA ASP B 229 29.30 -14.85 6.44
C ASP B 229 29.19 -15.76 5.23
N LEU B 230 27.96 -15.98 4.75
CA LEU B 230 27.74 -16.85 3.61
C LEU B 230 27.94 -16.15 2.26
N SER B 231 27.87 -14.83 2.18
CA SER B 231 27.93 -14.15 0.89
CA SER B 231 27.92 -14.13 0.90
C SER B 231 29.23 -13.40 0.62
N LEU B 232 29.91 -12.91 1.65
CA LEU B 232 31.16 -12.21 1.43
C LEU B 232 32.26 -13.19 1.01
N PRO B 233 33.30 -12.73 0.31
CA PRO B 233 34.40 -13.61 -0.06
C PRO B 233 34.95 -14.32 1.18
N VAL B 234 35.33 -15.59 1.01
CA VAL B 234 35.80 -16.36 2.16
C VAL B 234 37.00 -15.66 2.77
N GLY B 235 36.97 -15.50 4.09
CA GLY B 235 38.11 -14.96 4.79
C GLY B 235 38.11 -13.46 5.04
N VAL B 236 37.07 -12.73 4.67
CA VAL B 236 36.98 -11.31 5.01
C VAL B 236 35.96 -11.15 6.13
N ASP B 237 35.95 -9.95 6.76
CA ASP B 237 34.96 -9.64 7.78
C ASP B 237 33.95 -8.62 7.21
N ARG B 238 33.08 -8.10 8.09
CA ARG B 238 32.01 -7.21 7.62
C ARG B 238 32.46 -5.79 7.37
N ASP B 239 33.68 -5.41 7.73
CA ASP B 239 34.22 -4.12 7.28
C ASP B 239 34.86 -4.23 5.91
N HIS B 240 34.14 -4.91 5.02
CA HIS B 240 34.47 -5.06 3.63
C HIS B 240 33.63 -4.07 2.83
N GLU B 241 34.19 -3.53 1.75
CA GLU B 241 33.46 -2.55 0.94
C GLU B 241 32.13 -3.10 0.42
N TYR B 242 32.01 -4.42 0.19
CA TYR B 242 30.73 -4.96 -0.29
C TYR B 242 29.62 -4.78 0.75
N SER B 243 29.93 -5.00 2.02
CA SER B 243 28.90 -4.91 3.05
C SER B 243 28.85 -3.52 3.69
N ASN B 244 29.99 -2.84 3.80
CA ASN B 244 30.07 -1.54 4.44
C ASN B 244 30.63 -0.51 3.47
N PRO B 245 29.78 0.25 2.77
CA PRO B 245 30.31 1.21 1.78
C PRO B 245 31.04 2.38 2.38
N THR B 246 31.02 2.55 3.71
CA THR B 246 31.68 3.70 4.31
C THR B 246 33.11 3.40 4.78
N VAL B 247 33.59 2.16 4.66
CA VAL B 247 34.97 1.88 5.08
C VAL B 247 35.93 2.74 4.28
N GLY B 248 37.02 3.16 4.94
CA GLY B 248 37.86 4.17 4.32
C GLY B 248 37.07 5.44 4.12
N ASP B 249 37.22 6.03 2.94
CA ASP B 249 36.41 7.17 2.56
C ASP B 249 35.39 6.79 1.49
N GLY B 250 34.94 5.54 1.49
CA GLY B 250 34.04 5.05 0.48
C GLY B 250 34.76 4.76 -0.84
N SER B 251 34.04 4.08 -1.74
CA SER B 251 34.54 3.83 -3.10
C SER B 251 35.12 5.09 -3.72
N GLU B 252 36.26 4.95 -4.39
CA GLU B 252 36.78 6.08 -5.16
C GLU B 252 35.88 6.43 -6.32
N LYS B 253 34.89 5.59 -6.66
CA LYS B 253 33.99 5.83 -7.76
C LYS B 253 32.79 6.70 -7.38
N LEU B 254 32.54 6.91 -6.09
CA LEU B 254 31.39 7.73 -5.68
C LEU B 254 31.44 9.14 -6.24
N GLU B 255 32.61 9.79 -6.17
CA GLU B 255 32.67 11.16 -6.66
C GLU B 255 32.26 11.23 -8.13
N LYS B 256 32.55 10.19 -8.90
CA LYS B 256 32.17 10.21 -10.32
C LYS B 256 30.66 10.11 -10.48
N ILE B 257 29.98 9.34 -9.61
CA ILE B 257 28.52 9.35 -9.60
C ILE B 257 28.01 10.78 -9.50
N GLY B 258 28.62 11.58 -8.64
CA GLY B 258 28.23 12.98 -8.55
C GLY B 258 28.53 13.76 -9.82
N ARG B 259 29.72 13.56 -10.39
CA ARG B 259 30.08 14.26 -11.61
C ARG B 259 29.19 13.85 -12.77
N LEU B 260 28.69 12.61 -12.77
CA LEU B 260 27.77 12.16 -13.79
C LEU B 260 26.35 12.68 -13.58
N ARG B 261 26.07 13.33 -12.44
CA ARG B 261 24.75 13.88 -12.12
C ARG B 261 23.68 12.78 -11.98
N TRP B 262 24.08 11.57 -11.57
CA TRP B 262 23.11 10.53 -11.24
C TRP B 262 22.48 10.87 -9.89
N LYS B 263 21.15 10.84 -9.82
CA LYS B 263 20.48 11.09 -8.54
C LYS B 263 20.28 9.78 -7.80
N VAL B 264 20.30 9.83 -6.47
CA VAL B 264 20.10 8.64 -5.65
C VAL B 264 18.97 8.89 -4.66
N MET B 265 18.05 7.94 -4.59
CA MET B 265 17.02 7.93 -3.57
C MET B 265 17.35 6.86 -2.54
N MET B 266 17.55 7.28 -1.29
CA MET B 266 17.74 6.39 -0.15
C MET B 266 16.43 6.24 0.59
N ILE B 267 15.90 5.02 0.66
CA ILE B 267 14.68 4.71 1.39
C ILE B 267 15.03 3.83 2.58
N GLY B 268 14.64 4.25 3.78
CA GLY B 268 14.96 3.49 4.97
C GLY B 268 13.80 3.48 5.96
N GLY B 269 13.73 2.42 6.76
CA GLY B 269 12.77 2.34 7.85
C GLY B 269 13.46 2.51 9.19
N GLU B 270 12.88 3.36 10.05
CA GLU B 270 13.55 3.67 11.32
C GLU B 270 13.63 2.49 12.28
N ASP B 271 12.81 1.44 12.08
CA ASP B 271 12.85 0.24 12.91
C ASP B 271 13.65 -0.89 12.26
N ASP B 272 14.44 -0.57 11.23
CA ASP B 272 15.35 -1.49 10.57
C ASP B 272 16.71 -1.39 11.25
N PRO B 273 17.26 -2.49 11.80
CA PRO B 273 18.59 -2.38 12.44
C PRO B 273 19.66 -1.76 11.54
N MET B 274 19.53 -1.88 10.21
CA MET B 274 20.53 -1.28 9.32
C MET B 274 20.36 0.21 9.07
N ILE B 275 19.45 0.88 9.76
CA ILE B 275 19.13 2.25 9.40
C ILE B 275 20.31 3.18 9.63
N ASP B 276 21.08 2.96 10.71
CA ASP B 276 22.19 3.87 10.99
C ASP B 276 23.19 3.87 9.85
N LEU B 277 23.52 2.67 9.33
CA LEU B 277 24.49 2.59 8.25
C LEU B 277 23.90 3.10 6.94
N GLN B 278 22.62 2.84 6.70
CA GLN B 278 21.99 3.36 5.49
C GLN B 278 22.06 4.88 5.47
N LYS B 279 21.74 5.51 6.59
CA LYS B 279 21.89 6.96 6.67
C LYS B 279 23.35 7.36 6.48
N ASP B 280 24.29 6.59 7.08
CA ASP B 280 25.74 6.70 6.85
C ASP B 280 26.03 6.90 5.38
N VAL B 281 25.57 5.93 4.60
CA VAL B 281 25.89 5.86 3.18
C VAL B 281 25.31 7.05 2.45
N ALA B 282 24.08 7.45 2.81
CA ALA B 282 23.47 8.60 2.15
C ALA B 282 24.28 9.87 2.41
N LYS B 283 24.72 10.09 3.65
CA LYS B 283 25.50 11.28 3.97
C LYS B 283 26.84 11.26 3.26
N LEU B 284 27.44 10.08 3.14
CA LEU B 284 28.71 9.96 2.43
C LEU B 284 28.55 10.32 0.96
N MET B 285 27.50 9.82 0.32
CA MET B 285 27.24 10.19 -1.07
CA MET B 285 27.19 10.19 -1.06
C MET B 285 27.07 11.71 -1.20
N LYS B 286 26.29 12.33 -0.32
CA LYS B 286 26.12 13.78 -0.34
C LYS B 286 27.47 14.49 -0.22
N LYS B 287 28.30 14.04 0.72
CA LYS B 287 29.62 14.65 0.91
C LYS B 287 30.46 14.55 -0.36
N LYS B 288 30.30 13.49 -1.14
CA LYS B 288 31.03 13.29 -2.38
C LYS B 288 30.41 14.03 -3.55
N GLY B 289 29.36 14.80 -3.34
CA GLY B 289 28.75 15.58 -4.41
C GLY B 289 27.55 14.94 -5.07
N VAL B 290 27.06 13.83 -4.54
CA VAL B 290 25.91 13.16 -5.15
C VAL B 290 24.64 13.83 -4.67
N GLU B 291 23.69 14.02 -5.58
CA GLU B 291 22.38 14.50 -5.21
C GLU B 291 21.57 13.34 -4.67
N VAL B 292 21.20 13.41 -3.39
CA VAL B 292 20.57 12.30 -2.68
C VAL B 292 19.21 12.76 -2.14
N VAL B 293 18.17 12.00 -2.44
CA VAL B 293 16.84 12.19 -1.88
C VAL B 293 16.63 11.14 -0.79
N GLU B 294 16.41 11.58 0.44
CA GLU B 294 16.29 10.67 1.57
C GLU B 294 14.82 10.51 1.95
N HIS B 295 14.40 9.28 2.18
CA HIS B 295 13.00 8.93 2.42
C HIS B 295 13.00 7.94 3.60
N TYR B 296 12.90 8.45 4.83
CA TYR B 296 12.90 7.65 6.05
C TYR B 296 11.53 7.73 6.73
N THR B 297 11.07 6.59 7.28
CA THR B 297 9.75 6.51 7.89
C THR B 297 9.85 5.83 9.25
N GLY B 298 9.40 6.53 10.30
CA GLY B 298 9.29 5.90 11.61
C GLY B 298 8.36 4.70 11.58
N GLY B 299 8.66 3.72 12.44
CA GLY B 299 7.82 2.55 12.59
C GLY B 299 7.88 1.55 11.45
N HIS B 300 8.81 1.70 10.51
CA HIS B 300 8.95 0.76 9.41
C HIS B 300 10.08 -0.21 9.71
N VAL B 301 9.78 -1.51 9.68
CA VAL B 301 10.79 -2.55 9.80
C VAL B 301 11.52 -2.75 8.47
N HIS B 302 12.58 -3.54 8.47
CA HIS B 302 13.26 -3.90 7.24
C HIS B 302 12.32 -4.54 6.24
N GLY B 303 12.34 -4.05 5.01
CA GLY B 303 11.46 -4.57 3.98
C GLY B 303 10.00 -4.31 4.23
N ALA B 304 9.67 -3.27 5.00
CA ALA B 304 8.30 -2.99 5.44
C ALA B 304 7.30 -3.09 4.29
N GLU B 305 7.61 -2.47 3.16
CA GLU B 305 6.67 -2.44 2.03
C GLU B 305 6.61 -3.75 1.28
N ILE B 306 7.63 -4.60 1.38
CA ILE B 306 7.53 -5.95 0.83
C ILE B 306 6.50 -6.76 1.62
N ARG B 307 6.62 -6.72 2.94
CA ARG B 307 5.81 -7.54 3.83
C ARG B 307 4.39 -6.99 4.02
N ASP B 308 4.21 -5.67 3.84
CA ASP B 308 2.93 -5.02 4.12
C ASP B 308 2.47 -4.22 2.91
N PRO B 309 1.59 -4.78 2.08
CA PRO B 309 1.17 -4.08 0.86
C PRO B 309 0.46 -2.77 1.11
N SER B 310 -0.07 -2.52 2.31
CA SER B 310 -0.72 -1.25 2.62
C SER B 310 0.26 -0.09 2.66
N LYS B 311 1.56 -0.37 2.66
CA LYS B 311 2.59 0.66 2.67
C LYS B 311 3.17 0.93 1.29
N ARG B 312 2.70 0.23 0.25
CA ARG B 312 3.37 0.32 -1.04
C ARG B 312 3.01 1.59 -1.81
N LYS B 313 1.74 2.00 -1.79
CA LYS B 313 1.31 3.11 -2.64
C LYS B 313 2.14 4.37 -2.41
N THR B 314 2.24 4.83 -1.15
CA THR B 314 2.95 6.09 -0.96
C THR B 314 4.44 5.94 -1.29
N LEU B 315 4.99 4.75 -1.10
CA LEU B 315 6.37 4.55 -1.54
C LEU B 315 6.47 4.70 -3.05
N PHE B 316 5.58 4.03 -3.78
CA PHE B 316 5.64 4.10 -5.24
C PHE B 316 5.38 5.51 -5.75
N LEU B 317 4.46 6.23 -5.12
CA LEU B 317 4.21 7.61 -5.54
C LEU B 317 5.42 8.50 -5.26
N SER B 318 6.14 8.23 -4.16
CA SER B 318 7.38 8.98 -3.89
C SER B 318 8.44 8.68 -4.93
N ILE B 319 8.56 7.42 -5.33
CA ILE B 319 9.53 7.04 -6.36
C ILE B 319 9.15 7.67 -7.70
N LYS B 320 7.86 7.68 -8.03
CA LYS B 320 7.38 8.34 -9.23
C LYS B 320 7.78 9.82 -9.25
N ASN B 321 7.56 10.53 -8.13
CA ASN B 321 8.01 11.92 -8.05
C ASN B 321 9.52 12.03 -8.27
N PHE B 322 10.29 11.08 -7.72
CA PHE B 322 11.74 11.09 -7.88
C PHE B 322 12.15 10.97 -9.33
N ILE B 323 11.56 10.00 -10.03
CA ILE B 323 11.87 9.80 -11.45
C ILE B 323 11.41 10.99 -12.28
N PHE B 324 10.22 11.51 -11.99
CA PHE B 324 9.70 12.65 -12.73
C PHE B 324 10.59 13.88 -12.55
N SER B 325 11.26 14.00 -11.40
CA SER B 325 12.13 15.13 -11.14
C SER B 325 13.38 15.11 -12.01
N VAL B 326 13.69 13.96 -12.63
CA VAL B 326 14.78 13.86 -13.60
C VAL B 326 14.22 13.79 -15.03
N1 IMD C . -17.71 -4.92 2.15
C2 IMD C . -18.34 -3.79 2.50
N3 IMD C . -19.45 -4.11 3.17
C4 IMD C . -19.53 -5.45 3.24
C5 IMD C . -18.43 -5.96 2.58
C1 EDO D . -18.05 0.85 27.03
O1 EDO D . -17.76 2.25 27.04
C2 EDO D . -16.83 0.06 26.55
O2 EDO D . -16.43 -0.90 27.55
N1 IMD E . 13.45 -8.25 1.08
C2 IMD E . 13.53 -7.62 2.23
N3 IMD E . 12.88 -8.34 3.18
C4 IMD E . 12.39 -9.45 2.60
C5 IMD E . 12.76 -9.40 1.26
C1 EDO F . -1.19 -1.08 -9.67
O1 EDO F . -0.06 -0.22 -9.64
C2 EDO F . -1.45 -1.69 -8.30
O2 EDO F . -2.53 -2.62 -8.42
#